data_1IDE
#
_entry.id   1IDE
#
_cell.length_a   105.100
_cell.length_b   105.100
_cell.length_c   150.300
_cell.angle_alpha   90.00
_cell.angle_beta   90.00
_cell.angle_gamma   90.00
#
_symmetry.space_group_name_H-M   'P 43 21 2'
#
loop_
_entity.id
_entity.type
_entity.pdbx_description
1 polymer 'ISOCITRATE DEHYDROGENASE'
2 non-polymer 'MAGNESIUM ION'
3 non-polymer 'ISOCITRIC ACID'
4 non-polymer 'NADP NICOTINAMIDE-ADENINE-DINUCLEOTIDE PHOSPHATE'
5 water water
#
_entity_poly.entity_id   1
_entity_poly.type   'polypeptide(L)'
_entity_poly.pdbx_seq_one_letter_code
;MESKVVVPAQGKKITLQNGKLNVPENPIIPYIEGDGIGVDVTPAMLKVVDAAVEKAYKGERKISWMEIYTGEKSTQVYGQ
DVWLPAETLDLIREYRVAIKGPLTTPVGGGIRSLNVALRQELDLYICLRPVRYYQGTPSPVKHPELTDMVIFRENSEDIF
AGIEWKADSADAEKVIKFLREEMGVKKIRFPEHCGIGIKPCSEEGTKRLVRAAIEYAIANDRDSVTLVHKGNIMKFTEGA
FKDWGYQLAREEFGGELIDGGPWLKVKNPNTGKEIVIKDVIADAFLQQILLRPAEYDVIACMNLNGDYISDALAAQVGGI
GIAPGANIGDECALFEATHGTAPKYAGQDKVNPGSIILSAEMMLRHMGWTEAADLIVKGMEGAINAKTVTYDFERLMDGA
KLLKCSEFGDAIIENM
;
_entity_poly.pdbx_strand_id   A
#
loop_
_chem_comp.id
_chem_comp.type
_chem_comp.name
_chem_comp.formula
ICT non-polymer 'ISOCITRIC ACID' 'C6 H8 O7'
MG non-polymer 'MAGNESIUM ION' 'Mg 2'
NAP non-polymer 'NADP NICOTINAMIDE-ADENINE-DINUCLEOTIDE PHOSPHATE' 'C21 H28 N7 O17 P3'
#
# COMPACT_ATOMS: atom_id res chain seq x y z
N SER A 3 5.87 2.73 30.41
CA SER A 3 5.92 2.26 29.00
C SER A 3 6.53 3.44 28.28
N LYS A 4 7.59 3.24 27.49
CA LYS A 4 8.22 4.38 26.85
C LYS A 4 9.03 4.24 25.57
N VAL A 5 8.83 5.23 24.71
CA VAL A 5 9.53 5.40 23.44
C VAL A 5 10.14 6.80 23.67
N VAL A 6 11.44 6.93 23.54
CA VAL A 6 12.08 8.23 23.75
C VAL A 6 11.70 9.18 22.63
N VAL A 7 10.82 10.13 22.90
CA VAL A 7 10.46 11.09 21.87
C VAL A 7 11.67 12.01 21.80
N PRO A 8 12.09 12.35 20.57
CA PRO A 8 13.26 13.24 20.41
C PRO A 8 13.06 14.69 20.81
N ALA A 9 14.01 15.21 21.58
CA ALA A 9 13.97 16.59 22.03
C ALA A 9 14.32 17.55 20.88
N GLN A 10 14.77 16.99 19.76
CA GLN A 10 15.18 17.77 18.59
C GLN A 10 14.10 18.28 17.62
N GLY A 11 12.91 17.69 17.64
CA GLY A 11 11.88 18.09 16.68
C GLY A 11 10.52 18.56 17.16
N LYS A 12 9.63 18.79 16.19
CA LYS A 12 8.28 19.24 16.44
C LYS A 12 7.29 18.38 15.67
N LYS A 13 6.13 18.15 16.29
CA LYS A 13 5.05 17.36 15.73
C LYS A 13 4.47 17.99 14.47
N ILE A 14 3.93 17.14 13.61
CA ILE A 14 3.25 17.58 12.41
C ILE A 14 1.83 17.82 12.92
N THR A 15 1.13 18.78 12.33
CA THR A 15 -0.23 19.02 12.75
C THR A 15 -1.10 18.96 11.49
N LEU A 16 -2.32 18.48 11.67
CA LEU A 16 -3.30 18.35 10.60
C LEU A 16 -4.29 19.45 10.95
N GLN A 17 -4.05 20.64 10.41
CA GLN A 17 -4.91 21.78 10.68
C GLN A 17 -6.04 21.85 9.66
N ASN A 18 -6.96 20.90 9.76
CA ASN A 18 -8.12 20.82 8.87
C ASN A 18 -7.79 20.57 7.40
N GLY A 19 -7.48 19.33 7.06
CA GLY A 19 -7.19 18.98 5.69
C GLY A 19 -5.77 19.36 5.28
N LYS A 20 -5.30 20.48 5.81
CA LYS A 20 -3.94 20.92 5.53
C LYS A 20 -3.02 20.21 6.50
N LEU A 21 -1.99 19.59 5.96
CA LEU A 21 -1.01 18.89 6.77
C LEU A 21 0.09 19.91 7.01
N ASN A 22 0.11 20.46 8.21
CA ASN A 22 1.12 21.44 8.58
C ASN A 22 2.37 20.66 8.94
N VAL A 23 3.36 20.71 8.05
CA VAL A 23 4.61 20.00 8.28
C VAL A 23 5.75 20.94 8.60
N PRO A 24 6.27 20.88 9.84
CA PRO A 24 7.37 21.72 10.30
C PRO A 24 8.66 21.49 9.49
N GLU A 25 9.74 22.16 9.88
CA GLU A 25 11.03 22.03 9.20
C GLU A 25 11.78 20.83 9.77
N ASN A 26 11.53 20.56 11.03
CA ASN A 26 12.16 19.43 11.71
C ASN A 26 11.04 18.68 12.38
N PRO A 27 10.39 17.77 11.65
CA PRO A 27 9.30 16.99 12.23
C PRO A 27 9.76 15.69 12.85
N ILE A 28 8.92 15.14 13.72
CA ILE A 28 9.18 13.86 14.32
C ILE A 28 8.33 12.92 13.48
N ILE A 29 8.98 12.00 12.81
CA ILE A 29 8.32 11.02 11.98
C ILE A 29 8.71 9.70 12.59
N PRO A 30 7.72 8.92 13.06
CA PRO A 30 8.01 7.63 13.67
C PRO A 30 8.28 6.54 12.65
N TYR A 31 9.17 5.63 12.98
CA TYR A 31 9.49 4.51 12.12
C TYR A 31 9.48 3.22 12.90
N ILE A 32 8.85 2.20 12.33
CA ILE A 32 8.82 0.88 12.93
C ILE A 32 9.89 0.19 12.09
N GLU A 33 10.89 -0.38 12.76
CA GLU A 33 12.00 -1.02 12.05
C GLU A 33 11.65 -2.20 11.13
N GLY A 34 11.12 -3.27 11.72
CA GLY A 34 10.76 -4.44 10.95
C GLY A 34 11.38 -5.70 11.57
N ASP A 35 11.04 -6.87 11.04
CA ASP A 35 11.54 -8.17 11.55
C ASP A 35 12.39 -8.73 10.39
N GLY A 36 13.40 -9.56 10.66
CA GLY A 36 14.23 -10.09 9.57
C GLY A 36 14.98 -8.94 8.88
N ILE A 37 14.99 -8.85 7.55
CA ILE A 37 15.67 -7.70 6.87
C ILE A 37 15.13 -6.31 7.23
N GLY A 38 14.08 -6.23 8.07
CA GLY A 38 13.62 -4.90 8.47
C GLY A 38 14.87 -4.24 9.01
N VAL A 39 15.68 -5.08 9.65
CA VAL A 39 16.95 -4.68 10.26
C VAL A 39 18.04 -4.30 9.23
N ASP A 40 17.89 -4.76 7.99
CA ASP A 40 18.85 -4.43 6.93
C ASP A 40 18.26 -3.16 6.35
N VAL A 41 17.20 -3.39 5.56
CA VAL A 41 16.42 -2.39 4.86
C VAL A 41 16.27 -1.00 5.51
N THR A 42 15.68 -0.94 6.71
CA THR A 42 15.48 0.34 7.39
C THR A 42 16.68 1.30 7.40
N PRO A 43 17.86 0.85 7.90
CA PRO A 43 19.00 1.77 7.90
C PRO A 43 19.37 2.35 6.52
N ALA A 44 19.08 1.58 5.45
CA ALA A 44 19.36 2.04 4.11
C ALA A 44 18.42 3.20 3.83
N MET A 45 17.15 3.04 4.23
CA MET A 45 16.12 4.06 4.05
C MET A 45 16.46 5.39 4.74
N LEU A 46 16.68 5.35 6.06
CA LEU A 46 17.01 6.56 6.84
C LEU A 46 18.17 7.31 6.19
N LYS A 47 19.16 6.56 5.70
CA LYS A 47 20.34 7.16 5.09
C LYS A 47 20.00 7.97 3.84
N VAL A 48 19.29 7.33 2.91
CA VAL A 48 18.92 8.01 1.68
C VAL A 48 17.90 9.11 1.88
N VAL A 49 17.04 8.95 2.88
CA VAL A 49 16.04 9.97 3.15
C VAL A 49 16.76 11.21 3.71
N ASP A 50 17.54 11.01 4.77
CA ASP A 50 18.31 12.11 5.38
C ASP A 50 19.16 12.83 4.35
N ALA A 51 19.64 12.05 3.38
CA ALA A 51 20.47 12.59 2.31
C ALA A 51 19.65 13.47 1.37
N ALA A 52 18.54 12.94 0.88
CA ALA A 52 17.65 13.65 -0.04
C ALA A 52 17.27 14.99 0.61
N VAL A 53 17.09 14.97 1.92
CA VAL A 53 16.72 16.15 2.68
C VAL A 53 17.86 17.18 2.78
N GLU A 54 19.10 16.71 2.89
CA GLU A 54 20.25 17.62 2.97
C GLU A 54 20.42 18.29 1.59
N LYS A 55 20.59 17.45 0.57
CA LYS A 55 20.78 17.88 -0.81
C LYS A 55 19.75 18.90 -1.32
N ALA A 56 18.49 18.66 -1.01
CA ALA A 56 17.38 19.49 -1.47
C ALA A 56 17.20 20.83 -0.75
N TYR A 57 17.14 20.80 0.57
CA TYR A 57 16.90 22.01 1.34
C TYR A 57 18.15 22.64 1.95
N LYS A 58 19.31 22.21 1.46
CA LYS A 58 20.62 22.72 1.87
C LYS A 58 20.83 22.99 3.36
N GLY A 59 20.35 22.06 4.18
CA GLY A 59 20.52 22.18 5.61
C GLY A 59 19.35 22.75 6.39
N GLU A 60 18.47 23.47 5.72
CA GLU A 60 17.31 24.07 6.38
C GLU A 60 16.42 23.05 7.12
N ARG A 61 15.88 22.07 6.41
CA ARG A 61 15.02 21.07 7.05
C ARG A 61 15.69 19.72 7.32
N LYS A 62 15.12 18.98 8.27
CA LYS A 62 15.64 17.67 8.63
C LYS A 62 14.64 16.91 9.52
N ILE A 63 14.81 15.60 9.64
CA ILE A 63 13.88 14.80 10.42
C ILE A 63 14.38 14.15 11.71
N SER A 64 13.61 14.35 12.76
CA SER A 64 13.89 13.75 14.06
C SER A 64 13.13 12.43 14.03
N TRP A 65 13.82 11.37 13.61
CA TRP A 65 13.22 10.04 13.54
C TRP A 65 12.96 9.48 14.93
N MET A 66 11.74 9.01 15.19
CA MET A 66 11.43 8.42 16.49
C MET A 66 11.14 6.94 16.27
N GLU A 67 11.88 6.05 16.92
CA GLU A 67 11.61 4.64 16.69
C GLU A 67 10.50 4.08 17.55
N ILE A 68 9.52 3.46 16.90
CA ILE A 68 8.44 2.84 17.65
C ILE A 68 8.50 1.33 17.53
N TYR A 69 7.58 0.64 18.20
CA TYR A 69 7.64 -0.80 18.25
C TYR A 69 6.42 -1.62 17.88
N THR A 70 6.65 -2.62 17.02
CA THR A 70 5.61 -3.54 16.59
C THR A 70 6.28 -4.81 16.08
N GLY A 71 5.61 -5.95 16.27
CA GLY A 71 6.14 -7.21 15.82
C GLY A 71 7.13 -7.80 16.79
N GLU A 72 8.09 -8.55 16.26
CA GLU A 72 9.14 -9.21 17.05
C GLU A 72 9.70 -8.27 18.12
N LYS A 73 10.25 -7.16 17.64
CA LYS A 73 10.84 -6.16 18.52
C LYS A 73 9.98 -5.71 19.69
N SER A 74 8.67 -5.66 19.49
CA SER A 74 7.76 -5.23 20.54
C SER A 74 7.87 -6.17 21.75
N THR A 75 7.86 -7.46 21.48
CA THR A 75 7.96 -8.46 22.53
C THR A 75 9.30 -8.36 23.24
N GLN A 76 10.35 -8.03 22.49
CA GLN A 76 11.67 -7.91 23.10
C GLN A 76 11.68 -6.68 24.02
N VAL A 77 11.31 -5.53 23.49
CA VAL A 77 11.28 -4.29 24.28
C VAL A 77 10.22 -4.25 25.39
N TYR A 78 9.01 -4.70 25.08
CA TYR A 78 7.86 -4.69 26.00
C TYR A 78 7.54 -6.00 26.72
N GLY A 79 8.33 -7.04 26.50
CA GLY A 79 8.06 -8.32 27.15
C GLY A 79 7.32 -9.22 26.18
N GLN A 80 7.86 -10.40 25.90
CA GLN A 80 7.19 -11.27 24.96
C GLN A 80 5.82 -11.78 25.41
N ASP A 81 4.82 -11.16 24.77
CA ASP A 81 3.39 -11.39 24.94
C ASP A 81 2.76 -10.16 24.29
N VAL A 82 3.55 -9.08 24.19
CA VAL A 82 3.11 -7.83 23.58
C VAL A 82 3.66 -7.69 22.14
N TRP A 83 2.74 -7.71 21.17
CA TRP A 83 3.06 -7.62 19.74
C TRP A 83 2.75 -6.28 19.10
N LEU A 84 1.60 -5.71 19.48
CA LEU A 84 1.17 -4.42 18.97
C LEU A 84 0.73 -3.62 20.19
N PRO A 85 1.68 -2.95 20.86
CA PRO A 85 1.29 -2.15 22.03
C PRO A 85 0.58 -0.90 21.59
N ALA A 86 -0.19 -0.31 22.49
CA ALA A 86 -0.95 0.88 22.17
C ALA A 86 -0.15 2.16 22.04
N GLU A 87 0.99 2.25 22.73
CA GLU A 87 1.86 3.45 22.66
C GLU A 87 2.07 3.70 21.17
N THR A 88 2.30 2.61 20.46
CA THR A 88 2.52 2.62 19.02
C THR A 88 1.29 3.13 18.26
N LEU A 89 0.10 2.70 18.67
CA LEU A 89 -1.13 3.13 18.00
C LEU A 89 -1.41 4.62 18.20
N ASP A 90 -1.14 5.14 19.40
CA ASP A 90 -1.36 6.56 19.69
C ASP A 90 -0.38 7.38 18.85
N LEU A 91 0.90 7.09 19.03
CA LEU A 91 2.00 7.78 18.35
C LEU A 91 1.82 7.94 16.83
N ILE A 92 1.30 6.92 16.16
CA ILE A 92 1.08 7.02 14.72
C ILE A 92 -0.02 8.05 14.50
N ARG A 93 -1.07 7.94 15.29
CA ARG A 93 -2.19 8.87 15.21
C ARG A 93 -1.67 10.28 15.50
N GLU A 94 -1.14 10.46 16.71
CA GLU A 94 -0.59 11.72 17.17
C GLU A 94 0.46 12.36 16.27
N TYR A 95 1.45 11.57 15.86
CA TYR A 95 2.53 12.08 15.03
C TYR A 95 2.20 12.27 13.54
N ARG A 96 1.07 11.70 13.13
CA ARG A 96 0.52 11.85 11.78
C ARG A 96 1.06 11.02 10.61
N VAL A 97 2.37 10.95 10.47
CA VAL A 97 2.98 10.19 9.39
C VAL A 97 3.97 9.22 10.01
N ALA A 98 3.91 7.96 9.59
CA ALA A 98 4.81 6.95 10.11
C ALA A 98 5.24 6.03 8.98
N ILE A 99 6.38 5.38 9.14
CA ILE A 99 6.88 4.47 8.11
C ILE A 99 7.29 3.16 8.76
N LYS A 100 7.15 2.06 8.03
CA LYS A 100 7.49 0.77 8.60
C LYS A 100 8.14 -0.24 7.68
N GLY A 101 8.90 -1.14 8.32
CA GLY A 101 9.56 -2.22 7.63
C GLY A 101 8.60 -3.39 7.66
N PRO A 102 9.07 -4.58 7.26
CA PRO A 102 8.20 -5.76 7.27
C PRO A 102 7.95 -6.34 8.67
N LEU A 103 6.71 -6.77 8.89
CA LEU A 103 6.29 -7.35 10.17
C LEU A 103 5.91 -8.82 9.95
N THR A 104 5.98 -9.64 10.99
CA THR A 104 5.63 -11.04 10.81
C THR A 104 4.45 -11.34 11.75
N THR A 105 3.55 -12.27 11.46
CA THR A 105 2.51 -12.54 12.45
C THR A 105 2.65 -13.99 12.91
N PRO A 106 2.91 -14.20 14.23
CA PRO A 106 3.08 -15.51 14.85
C PRO A 106 1.93 -16.52 14.81
N VAL A 107 2.20 -17.67 14.20
CA VAL A 107 1.24 -18.77 14.15
C VAL A 107 1.30 -19.29 15.58
N GLY A 108 0.24 -19.92 16.06
CA GLY A 108 0.26 -20.44 17.42
C GLY A 108 -0.63 -19.75 18.45
N GLY A 109 -0.47 -18.43 18.63
CA GLY A 109 -1.24 -17.73 19.64
C GLY A 109 -2.52 -16.97 19.26
N GLY A 110 -3.20 -17.41 18.21
CA GLY A 110 -4.42 -16.76 17.78
C GLY A 110 -4.38 -15.26 17.55
N ILE A 111 -3.36 -14.80 16.84
CA ILE A 111 -3.20 -13.38 16.53
C ILE A 111 -3.36 -13.18 15.02
N ARG A 112 -4.19 -12.22 14.63
CA ARG A 112 -4.37 -11.94 13.21
C ARG A 112 -3.20 -11.08 12.73
N SER A 113 -3.14 -10.89 11.42
CA SER A 113 -2.09 -10.13 10.74
C SER A 113 -1.82 -8.75 11.31
N LEU A 114 -0.60 -8.56 11.82
CA LEU A 114 -0.18 -7.28 12.39
C LEU A 114 -0.31 -6.15 11.37
N ASN A 115 0.04 -6.44 10.12
CA ASN A 115 -0.07 -5.43 9.07
C ASN A 115 -1.52 -4.96 8.95
N VAL A 116 -2.44 -5.93 8.97
CA VAL A 116 -3.87 -5.65 8.87
C VAL A 116 -4.48 -5.09 10.17
N ALA A 117 -3.85 -5.40 11.31
CA ALA A 117 -4.33 -4.92 12.61
C ALA A 117 -4.10 -3.41 12.64
N LEU A 118 -2.89 -2.98 12.26
CA LEU A 118 -2.57 -1.56 12.23
C LEU A 118 -3.57 -0.83 11.32
N ARG A 119 -3.62 -1.25 10.06
CA ARG A 119 -4.54 -0.66 9.09
C ARG A 119 -6.00 -0.54 9.53
N GLN A 120 -6.58 -1.63 10.03
CA GLN A 120 -7.97 -1.60 10.49
C GLN A 120 -8.13 -0.64 11.68
N GLU A 121 -7.30 -0.85 12.69
CA GLU A 121 -7.30 -0.07 13.93
C GLU A 121 -7.18 1.44 13.77
N LEU A 122 -6.32 1.87 12.85
CA LEU A 122 -6.09 3.29 12.60
C LEU A 122 -7.00 3.82 11.48
N ASP A 123 -7.87 2.93 11.01
CA ASP A 123 -8.82 3.20 9.92
C ASP A 123 -8.13 3.77 8.69
N LEU A 124 -7.01 3.15 8.31
CA LEU A 124 -6.27 3.56 7.13
C LEU A 124 -6.97 2.77 6.03
N TYR A 125 -8.06 3.34 5.54
CA TYR A 125 -8.90 2.71 4.54
C TYR A 125 -8.46 2.78 3.08
N ILE A 126 -7.38 3.49 2.80
CA ILE A 126 -6.89 3.57 1.42
C ILE A 126 -5.52 2.93 1.39
N CYS A 127 -5.38 1.81 0.68
CA CYS A 127 -4.06 1.20 0.55
C CYS A 127 -3.67 1.69 -0.85
N LEU A 128 -2.72 2.62 -0.90
CA LEU A 128 -2.26 3.22 -2.15
C LEU A 128 -1.02 2.46 -2.63
N ARG A 129 -1.13 1.83 -3.79
CA ARG A 129 -0.05 1.04 -4.37
C ARG A 129 0.24 1.39 -5.84
N PRO A 130 1.28 2.20 -6.08
CA PRO A 130 1.62 2.58 -7.45
C PRO A 130 2.65 1.61 -8.07
N VAL A 131 2.42 1.21 -9.31
CA VAL A 131 3.34 0.31 -9.99
C VAL A 131 3.70 0.89 -11.36
N ARG A 132 5.00 1.09 -11.57
CA ARG A 132 5.50 1.63 -12.82
C ARG A 132 6.90 1.09 -13.09
N TYR A 133 7.30 1.12 -14.35
CA TYR A 133 8.59 0.57 -14.75
C TYR A 133 9.84 1.45 -14.70
N TYR A 134 10.71 1.21 -13.72
CA TYR A 134 11.97 1.95 -13.68
C TYR A 134 12.79 1.33 -14.81
N GLN A 135 13.31 2.17 -15.68
CA GLN A 135 14.05 1.75 -16.86
C GLN A 135 15.37 1.03 -16.56
N GLY A 136 15.42 -0.25 -16.91
CA GLY A 136 16.62 -1.02 -16.68
C GLY A 136 16.41 -2.15 -15.69
N THR A 137 15.18 -2.25 -15.17
CA THR A 137 14.80 -3.29 -14.20
C THR A 137 14.43 -4.56 -14.98
N PRO A 138 15.21 -5.66 -14.80
CA PRO A 138 15.00 -6.95 -15.48
C PRO A 138 13.58 -7.48 -15.29
N SER A 139 12.80 -7.47 -16.38
CA SER A 139 11.41 -7.91 -16.35
C SER A 139 11.14 -9.19 -17.15
N PRO A 140 10.17 -10.00 -16.69
CA PRO A 140 9.79 -11.26 -17.33
C PRO A 140 8.83 -11.07 -18.53
N VAL A 141 8.36 -9.85 -18.74
CA VAL A 141 7.46 -9.58 -19.85
C VAL A 141 8.17 -8.74 -20.91
N LYS A 142 7.71 -8.85 -22.15
CA LYS A 142 8.29 -8.12 -23.28
C LYS A 142 8.33 -6.60 -23.16
N HIS A 143 7.26 -6.02 -22.60
CA HIS A 143 7.15 -4.56 -22.49
C HIS A 143 6.69 -4.06 -21.14
N PRO A 144 7.53 -4.23 -20.11
CA PRO A 144 7.23 -3.80 -18.74
C PRO A 144 7.03 -2.28 -18.65
N GLU A 145 7.46 -1.57 -19.70
CA GLU A 145 7.37 -0.11 -19.75
C GLU A 145 5.99 0.48 -19.99
N LEU A 146 5.02 -0.37 -20.35
CA LEU A 146 3.67 0.09 -20.65
C LEU A 146 2.84 0.19 -19.37
N THR A 147 3.41 -0.26 -18.27
CA THR A 147 2.75 -0.25 -16.98
C THR A 147 3.08 0.95 -16.10
N ASP A 148 2.03 1.68 -15.74
CA ASP A 148 2.10 2.84 -14.86
C ASP A 148 0.69 2.97 -14.27
N MET A 149 0.43 2.17 -13.26
CA MET A 149 -0.88 2.19 -12.62
C MET A 149 -0.81 2.64 -11.16
N VAL A 150 -1.94 3.14 -10.67
CA VAL A 150 -2.04 3.59 -9.29
C VAL A 150 -3.23 2.86 -8.74
N ILE A 151 -2.92 1.84 -7.96
CA ILE A 151 -3.91 0.96 -7.37
C ILE A 151 -4.48 1.47 -6.05
N PHE A 152 -5.78 1.71 -6.05
CA PHE A 152 -6.52 2.17 -4.87
C PHE A 152 -7.35 1.00 -4.40
N ARG A 153 -6.86 0.36 -3.35
CA ARG A 153 -7.47 -0.80 -2.76
C ARG A 153 -8.20 -0.48 -1.45
N GLU A 154 -9.44 -0.96 -1.31
CA GLU A 154 -10.24 -0.73 -0.10
C GLU A 154 -9.51 -1.52 1.01
N ASN A 155 -9.37 -0.91 2.18
CA ASN A 155 -8.65 -1.54 3.27
C ASN A 155 -9.44 -1.93 4.52
N SER A 156 -10.63 -1.37 4.68
CA SER A 156 -11.41 -1.66 5.87
C SER A 156 -12.49 -2.74 5.79
N GLU A 157 -12.75 -3.27 4.60
CA GLU A 157 -13.80 -4.29 4.44
C GLU A 157 -13.33 -5.53 3.71
N ASP A 158 -14.28 -6.17 3.04
CA ASP A 158 -14.05 -7.37 2.25
C ASP A 158 -13.76 -8.54 3.20
N ILE A 159 -13.62 -9.73 2.64
CA ILE A 159 -13.36 -10.96 3.39
C ILE A 159 -12.21 -10.78 4.39
N PHE A 160 -11.33 -9.82 4.07
CA PHE A 160 -10.14 -9.46 4.85
C PHE A 160 -10.37 -8.95 6.27
N ALA A 161 -11.62 -8.78 6.69
CA ALA A 161 -11.90 -8.27 8.03
C ALA A 161 -11.56 -9.25 9.14
N GLY A 162 -11.72 -10.54 8.84
CA GLY A 162 -11.42 -11.57 9.81
C GLY A 162 -12.67 -12.07 10.50
N ILE A 163 -13.79 -12.11 9.79
CA ILE A 163 -15.06 -12.56 10.34
C ILE A 163 -15.32 -13.98 9.88
N GLU A 164 -14.82 -14.94 10.66
CA GLU A 164 -14.96 -16.34 10.31
C GLU A 164 -14.94 -17.27 11.52
N TRP A 165 -15.71 -18.34 11.41
CA TRP A 165 -15.81 -19.34 12.47
C TRP A 165 -15.23 -20.66 11.97
N LYS A 166 -14.29 -21.19 12.74
CA LYS A 166 -13.61 -22.43 12.41
C LYS A 166 -14.54 -23.61 12.15
N ALA A 167 -14.12 -24.47 11.23
CA ALA A 167 -14.86 -25.66 10.85
C ALA A 167 -15.18 -26.49 12.10
N ASP A 168 -16.47 -26.71 12.32
CA ASP A 168 -16.97 -27.50 13.45
C ASP A 168 -17.10 -26.84 14.82
N SER A 169 -16.63 -25.59 14.94
CA SER A 169 -16.75 -24.90 16.21
C SER A 169 -18.24 -24.79 16.54
N ALA A 170 -18.56 -24.59 17.82
CA ALA A 170 -19.95 -24.45 18.23
C ALA A 170 -20.50 -23.23 17.50
N ASP A 171 -19.66 -22.21 17.38
CA ASP A 171 -20.05 -20.97 16.71
C ASP A 171 -20.41 -21.12 15.23
N ALA A 172 -19.52 -21.72 14.44
CA ALA A 172 -19.80 -21.92 13.02
C ALA A 172 -21.11 -22.71 12.91
N GLU A 173 -21.23 -23.67 13.82
CA GLU A 173 -22.38 -24.57 13.97
C GLU A 173 -23.66 -23.77 14.15
N LYS A 174 -23.59 -22.75 15.00
CA LYS A 174 -24.74 -21.90 15.29
C LYS A 174 -25.09 -21.12 14.02
N VAL A 175 -24.05 -20.59 13.37
CA VAL A 175 -24.23 -19.83 12.14
C VAL A 175 -24.93 -20.64 11.05
N ILE A 176 -24.50 -21.88 10.82
CA ILE A 176 -25.12 -22.69 9.79
C ILE A 176 -26.58 -22.96 10.17
N LYS A 177 -26.85 -23.17 11.46
CA LYS A 177 -28.23 -23.36 11.86
C LYS A 177 -28.99 -22.10 11.44
N PHE A 178 -28.43 -20.92 11.70
CA PHE A 178 -29.11 -19.70 11.29
C PHE A 178 -29.37 -19.65 9.78
N LEU A 179 -28.29 -19.76 8.99
CA LEU A 179 -28.39 -19.71 7.54
C LEU A 179 -29.44 -20.64 6.94
N ARG A 180 -29.41 -21.92 7.30
CA ARG A 180 -30.38 -22.88 6.77
C ARG A 180 -31.76 -22.81 7.42
N GLU A 181 -31.78 -22.84 8.75
CA GLU A 181 -33.02 -22.81 9.51
C GLU A 181 -33.78 -21.51 9.25
N GLU A 182 -33.13 -20.38 9.52
CA GLU A 182 -33.75 -19.06 9.38
C GLU A 182 -33.59 -18.32 8.05
N MET A 183 -32.41 -18.37 7.43
CA MET A 183 -32.21 -17.63 6.18
C MET A 183 -32.62 -18.32 4.88
N GLY A 184 -33.01 -19.59 4.96
CA GLY A 184 -33.42 -20.31 3.78
C GLY A 184 -32.28 -20.61 2.84
N VAL A 185 -31.09 -20.83 3.40
CA VAL A 185 -29.92 -21.12 2.59
C VAL A 185 -29.77 -22.62 2.32
N LYS A 186 -30.50 -23.10 1.32
CA LYS A 186 -30.44 -24.50 0.90
C LYS A 186 -29.24 -24.60 -0.06
N LYS A 187 -28.16 -23.87 0.22
CA LYS A 187 -27.03 -23.85 -0.70
C LYS A 187 -25.60 -24.06 -0.20
N ILE A 188 -25.44 -24.29 1.10
CA ILE A 188 -24.10 -24.54 1.64
C ILE A 188 -24.01 -26.03 1.30
N ARG A 189 -23.06 -26.40 0.44
CA ARG A 189 -22.96 -27.79 -0.03
C ARG A 189 -22.80 -28.91 1.00
N PHE A 190 -21.82 -28.80 1.89
CA PHE A 190 -21.61 -29.81 2.93
C PHE A 190 -21.59 -29.03 4.24
N PRO A 191 -22.75 -28.84 4.87
CA PRO A 191 -22.75 -28.10 6.14
C PRO A 191 -21.87 -28.67 7.26
N GLU A 192 -21.76 -30.00 7.34
CA GLU A 192 -20.92 -30.63 8.37
C GLU A 192 -19.43 -30.36 8.14
N HIS A 193 -18.77 -29.90 9.21
CA HIS A 193 -17.35 -29.52 9.20
C HIS A 193 -17.14 -28.63 7.99
N CYS A 194 -17.62 -27.41 8.12
CA CYS A 194 -17.55 -26.41 7.08
C CYS A 194 -17.11 -25.15 7.78
N GLY A 195 -16.09 -24.50 7.23
CA GLY A 195 -15.62 -23.25 7.81
C GLY A 195 -16.41 -22.16 7.13
N ILE A 196 -16.69 -21.06 7.83
CA ILE A 196 -17.45 -19.96 7.25
C ILE A 196 -16.73 -18.63 7.42
N GLY A 197 -16.64 -17.89 6.31
CA GLY A 197 -16.03 -16.57 6.33
C GLY A 197 -17.11 -15.59 5.95
N ILE A 198 -17.01 -14.34 6.40
CA ILE A 198 -18.02 -13.33 6.10
C ILE A 198 -17.46 -12.18 5.26
N LYS A 199 -18.20 -11.76 4.25
CA LYS A 199 -17.75 -10.69 3.35
C LYS A 199 -18.73 -9.50 3.17
N PRO A 200 -18.43 -8.35 3.82
CA PRO A 200 -19.25 -7.11 3.78
C PRO A 200 -18.76 -6.03 2.77
N CYS A 201 -19.68 -5.14 2.38
CA CYS A 201 -19.40 -4.05 1.42
C CYS A 201 -20.45 -2.93 1.60
N SER A 202 -20.08 -1.83 2.26
CA SER A 202 -21.00 -0.72 2.51
C SER A 202 -20.94 0.43 1.51
N GLU A 203 -22.03 1.18 1.42
CA GLU A 203 -22.13 2.36 0.56
C GLU A 203 -20.93 3.19 0.99
N GLU A 204 -20.87 3.38 2.30
CA GLU A 204 -19.82 4.13 2.96
C GLU A 204 -18.39 3.74 2.58
N GLY A 205 -18.04 2.48 2.81
CA GLY A 205 -16.70 2.00 2.51
C GLY A 205 -16.24 2.13 1.06
N THR A 206 -17.09 1.74 0.13
CA THR A 206 -16.74 1.78 -1.28
C THR A 206 -16.69 3.21 -1.83
N LYS A 207 -17.68 4.01 -1.44
CA LYS A 207 -17.78 5.40 -1.87
C LYS A 207 -16.63 6.23 -1.36
N ARG A 208 -16.26 6.06 -0.08
CA ARG A 208 -15.16 6.85 0.45
C ARG A 208 -13.86 6.48 -0.27
N LEU A 209 -13.73 5.21 -0.64
CA LEU A 209 -12.55 4.78 -1.38
C LEU A 209 -12.52 5.38 -2.78
N VAL A 210 -13.62 5.27 -3.52
CA VAL A 210 -13.66 5.80 -4.88
C VAL A 210 -13.51 7.32 -4.92
N ARG A 211 -14.04 8.00 -3.91
CA ARG A 211 -13.94 9.46 -3.81
C ARG A 211 -12.45 9.80 -3.87
N ALA A 212 -11.68 9.07 -3.06
CA ALA A 212 -10.24 9.26 -3.00
C ALA A 212 -9.58 9.01 -4.36
N ALA A 213 -9.88 7.86 -4.95
CA ALA A 213 -9.32 7.47 -6.23
C ALA A 213 -9.50 8.48 -7.35
N ILE A 214 -10.73 8.95 -7.58
CA ILE A 214 -10.97 9.92 -8.65
C ILE A 214 -10.20 11.23 -8.38
N GLU A 215 -10.19 11.67 -7.14
CA GLU A 215 -9.51 12.90 -6.77
C GLU A 215 -8.03 12.81 -7.12
N TYR A 216 -7.47 11.63 -6.95
CA TYR A 216 -6.07 11.42 -7.27
C TYR A 216 -5.96 11.64 -8.78
N ALA A 217 -6.90 11.08 -9.54
CA ALA A 217 -6.92 11.23 -10.99
C ALA A 217 -6.91 12.71 -11.37
N ILE A 218 -7.86 13.48 -10.85
CA ILE A 218 -7.94 14.90 -11.16
C ILE A 218 -6.64 15.64 -10.82
N ALA A 219 -6.21 15.55 -9.57
CA ALA A 219 -5.00 16.21 -9.12
C ALA A 219 -3.75 15.91 -9.97
N ASN A 220 -3.55 14.64 -10.32
CA ASN A 220 -2.38 14.22 -11.10
C ASN A 220 -2.69 14.06 -12.59
N ASP A 221 -3.83 14.59 -13.02
CA ASP A 221 -4.25 14.55 -14.41
C ASP A 221 -4.28 13.16 -15.06
N ARG A 222 -4.67 12.14 -14.30
CA ARG A 222 -4.71 10.80 -14.85
C ARG A 222 -5.82 10.65 -15.90
N ASP A 223 -5.69 9.63 -16.75
CA ASP A 223 -6.60 9.36 -17.87
C ASP A 223 -7.90 8.64 -17.60
N SER A 224 -7.92 7.81 -16.58
CA SER A 224 -9.10 7.01 -16.31
C SER A 224 -9.11 6.41 -14.93
N VAL A 225 -10.28 5.90 -14.56
CA VAL A 225 -10.46 5.22 -13.30
C VAL A 225 -11.24 3.95 -13.59
N THR A 226 -10.55 2.82 -13.41
CA THR A 226 -11.14 1.53 -13.64
C THR A 226 -11.49 0.92 -12.29
N LEU A 227 -12.79 0.70 -12.08
CA LEU A 227 -13.31 0.10 -10.85
C LEU A 227 -13.35 -1.39 -11.19
N VAL A 228 -12.50 -2.19 -10.56
CA VAL A 228 -12.53 -3.62 -10.88
C VAL A 228 -13.32 -4.38 -9.82
N HIS A 229 -13.95 -5.46 -10.27
CA HIS A 229 -14.79 -6.27 -9.41
C HIS A 229 -15.12 -7.62 -10.02
N LYS A 230 -15.13 -8.67 -9.20
CA LYS A 230 -15.58 -9.96 -9.68
C LYS A 230 -17.04 -9.79 -9.28
N GLY A 231 -17.74 -8.94 -10.02
CA GLY A 231 -19.11 -8.62 -9.69
C GLY A 231 -20.30 -9.17 -10.43
N ASN A 232 -20.11 -10.23 -11.21
CA ASN A 232 -21.23 -10.83 -11.91
C ASN A 232 -21.64 -12.10 -11.16
N ILE A 233 -20.82 -12.48 -10.18
CA ILE A 233 -21.09 -13.65 -9.35
C ILE A 233 -21.36 -13.12 -7.94
N MET A 234 -20.51 -12.20 -7.48
CA MET A 234 -20.72 -11.57 -6.18
C MET A 234 -21.47 -10.30 -6.54
N LYS A 235 -22.78 -10.41 -6.65
CA LYS A 235 -23.61 -9.28 -7.05
C LYS A 235 -23.92 -8.20 -6.02
N PHE A 236 -23.89 -8.56 -4.74
CA PHE A 236 -24.25 -7.60 -3.72
C PHE A 236 -23.13 -7.07 -2.86
N THR A 237 -21.92 -7.52 -3.15
CA THR A 237 -20.75 -7.06 -2.46
C THR A 237 -19.93 -6.37 -3.55
N GLU A 238 -19.33 -7.17 -4.42
CA GLU A 238 -18.52 -6.65 -5.52
C GLU A 238 -19.37 -5.94 -6.60
N GLY A 239 -20.55 -6.48 -6.92
CA GLY A 239 -21.43 -5.86 -7.91
C GLY A 239 -21.94 -4.52 -7.42
N ALA A 240 -21.93 -4.34 -6.10
CA ALA A 240 -22.36 -3.10 -5.48
C ALA A 240 -21.19 -2.12 -5.38
N PHE A 241 -19.98 -2.67 -5.42
CA PHE A 241 -18.77 -1.84 -5.39
C PHE A 241 -18.85 -0.99 -6.66
N LYS A 242 -19.01 -1.69 -7.79
CA LYS A 242 -19.12 -1.07 -9.10
C LYS A 242 -20.21 0.00 -9.13
N ASP A 243 -21.43 -0.39 -8.81
CA ASP A 243 -22.57 0.54 -8.83
C ASP A 243 -22.34 1.81 -8.02
N TRP A 244 -22.05 1.66 -6.73
CA TRP A 244 -21.79 2.84 -5.89
C TRP A 244 -20.69 3.73 -6.45
N GLY A 245 -19.65 3.12 -7.02
CA GLY A 245 -18.55 3.86 -7.61
C GLY A 245 -19.03 4.72 -8.77
N TYR A 246 -19.82 4.12 -9.66
CA TYR A 246 -20.37 4.85 -10.81
C TYR A 246 -21.25 5.97 -10.28
N GLN A 247 -22.09 5.60 -9.32
CA GLN A 247 -23.01 6.53 -8.68
C GLN A 247 -22.23 7.77 -8.24
N LEU A 248 -21.18 7.55 -7.47
CA LEU A 248 -20.33 8.62 -6.98
C LEU A 248 -19.79 9.52 -8.11
N ALA A 249 -19.24 8.91 -9.15
CA ALA A 249 -18.69 9.63 -10.29
C ALA A 249 -19.71 10.57 -10.97
N ARG A 250 -20.96 10.12 -11.00
CA ARG A 250 -22.09 10.84 -11.57
C ARG A 250 -22.46 11.98 -10.64
N GLU A 251 -22.71 11.58 -9.40
CA GLU A 251 -23.16 12.43 -8.30
C GLU A 251 -22.24 13.54 -7.90
N GLU A 252 -21.17 13.16 -7.21
CA GLU A 252 -20.19 14.12 -6.72
C GLU A 252 -19.24 14.70 -7.75
N PHE A 253 -19.06 14.01 -8.87
CA PHE A 253 -18.12 14.50 -9.88
C PHE A 253 -18.68 14.89 -11.25
N GLY A 254 -19.96 14.62 -11.47
CA GLY A 254 -20.62 15.01 -12.70
C GLY A 254 -20.47 14.13 -13.92
N GLY A 255 -20.46 12.82 -13.72
CA GLY A 255 -20.33 11.89 -14.83
C GLY A 255 -21.36 12.01 -15.94
N GLU A 256 -20.87 12.15 -17.17
CA GLU A 256 -21.73 12.20 -18.35
C GLU A 256 -21.56 10.78 -18.93
N LEU A 257 -22.59 10.28 -19.58
CA LEU A 257 -22.55 8.95 -20.13
C LEU A 257 -21.83 8.90 -21.47
N ILE A 258 -21.04 7.85 -21.67
CA ILE A 258 -20.36 7.68 -22.94
C ILE A 258 -21.29 6.75 -23.69
N ASP A 259 -22.04 7.35 -24.61
CA ASP A 259 -23.06 6.69 -25.43
C ASP A 259 -24.13 5.87 -24.67
N GLY A 260 -24.17 4.55 -24.90
CA GLY A 260 -25.17 3.73 -24.26
C GLY A 260 -24.81 3.13 -22.90
N GLY A 261 -23.81 3.69 -22.26
CA GLY A 261 -23.38 3.21 -20.96
C GLY A 261 -22.45 2.01 -21.08
N PRO A 262 -21.92 1.53 -19.95
CA PRO A 262 -22.20 2.12 -18.63
C PRO A 262 -21.17 3.20 -18.28
N TRP A 263 -20.05 3.19 -18.99
CA TRP A 263 -18.95 4.14 -18.78
C TRP A 263 -19.36 5.61 -18.72
N LEU A 264 -18.65 6.35 -17.88
CA LEU A 264 -18.88 7.76 -17.67
C LEU A 264 -17.74 8.63 -18.15
N LYS A 265 -17.92 9.91 -17.88
CA LYS A 265 -16.96 10.96 -18.18
C LYS A 265 -16.98 11.94 -17.01
N VAL A 266 -15.82 12.14 -16.41
CA VAL A 266 -15.66 13.09 -15.33
C VAL A 266 -14.74 14.15 -15.95
N LYS A 267 -15.12 15.41 -15.85
CA LYS A 267 -14.35 16.50 -16.45
C LYS A 267 -13.38 17.06 -15.42
N ASN A 268 -12.10 16.98 -15.73
CA ASN A 268 -11.03 17.45 -14.86
C ASN A 268 -11.11 18.98 -14.82
N PRO A 269 -11.62 19.54 -13.71
CA PRO A 269 -11.73 21.00 -13.61
C PRO A 269 -10.43 21.75 -13.94
N ASN A 270 -9.38 21.44 -13.21
CA ASN A 270 -8.07 22.07 -13.42
C ASN A 270 -7.45 21.87 -14.79
N THR A 271 -8.03 21.02 -15.64
CA THR A 271 -7.39 20.73 -16.91
C THR A 271 -8.16 20.62 -18.23
N GLY A 272 -9.48 20.51 -18.18
CA GLY A 272 -10.23 20.37 -19.41
C GLY A 272 -10.30 18.96 -19.97
N LYS A 273 -9.29 18.14 -19.68
CA LYS A 273 -9.26 16.75 -20.14
C LYS A 273 -10.40 16.00 -19.45
N GLU A 274 -10.85 14.91 -20.04
CA GLU A 274 -11.92 14.15 -19.43
C GLU A 274 -11.54 12.74 -19.04
N ILE A 275 -11.67 12.49 -17.74
CA ILE A 275 -11.35 11.23 -17.12
C ILE A 275 -12.48 10.22 -17.38
N VAL A 276 -12.10 9.11 -17.98
CA VAL A 276 -13.02 8.03 -18.30
C VAL A 276 -13.17 7.13 -17.08
N ILE A 277 -14.41 6.91 -16.64
CA ILE A 277 -14.67 6.06 -15.48
C ILE A 277 -15.28 4.78 -16.02
N LYS A 278 -14.54 3.69 -15.95
CA LYS A 278 -15.00 2.41 -16.48
C LYS A 278 -14.80 1.23 -15.53
N ASP A 279 -15.44 0.11 -15.86
CA ASP A 279 -15.31 -1.10 -15.08
C ASP A 279 -14.80 -2.27 -15.92
N VAL A 280 -14.20 -3.23 -15.23
CA VAL A 280 -13.66 -4.43 -15.85
C VAL A 280 -13.80 -5.52 -14.80
N ILE A 281 -14.30 -6.68 -15.20
CA ILE A 281 -14.47 -7.76 -14.25
C ILE A 281 -13.08 -8.31 -13.87
N ALA A 282 -12.91 -8.64 -12.59
CA ALA A 282 -11.64 -9.10 -12.04
C ALA A 282 -10.83 -10.17 -12.77
N ASP A 283 -11.45 -11.29 -13.12
CA ASP A 283 -10.72 -12.35 -13.82
C ASP A 283 -10.27 -11.97 -15.22
N ALA A 284 -11.03 -11.08 -15.83
CA ALA A 284 -10.72 -10.63 -17.18
C ALA A 284 -9.67 -9.52 -17.12
N PHE A 285 -9.60 -8.83 -15.97
CA PHE A 285 -8.64 -7.75 -15.75
C PHE A 285 -7.23 -8.33 -15.62
N LEU A 286 -7.13 -9.47 -14.94
CA LEU A 286 -5.83 -10.13 -14.75
C LEU A 286 -5.16 -10.51 -16.06
N GLN A 287 -5.92 -10.55 -17.14
CA GLN A 287 -5.35 -10.86 -18.46
C GLN A 287 -5.07 -9.53 -19.13
N GLN A 288 -6.09 -8.67 -19.13
CA GLN A 288 -5.99 -7.37 -19.76
C GLN A 288 -4.72 -6.60 -19.38
N ILE A 289 -4.21 -6.83 -18.17
CA ILE A 289 -2.98 -6.17 -17.75
C ILE A 289 -1.66 -6.71 -18.33
N LEU A 290 -1.68 -7.93 -18.88
CA LEU A 290 -0.51 -8.51 -19.51
C LEU A 290 -0.62 -8.13 -21.00
N LEU A 291 -1.85 -8.16 -21.49
CA LEU A 291 -2.17 -7.89 -22.88
C LEU A 291 -2.33 -6.43 -23.34
N ARG A 292 -3.25 -5.68 -22.73
CA ARG A 292 -3.48 -4.27 -23.07
C ARG A 292 -3.30 -3.45 -21.78
N PRO A 293 -2.07 -3.49 -21.21
CA PRO A 293 -1.76 -2.77 -19.97
C PRO A 293 -1.68 -1.25 -20.07
N ALA A 294 -1.56 -0.73 -21.28
CA ALA A 294 -1.47 0.72 -21.49
C ALA A 294 -2.81 1.45 -21.44
N GLU A 295 -3.90 0.71 -21.28
CA GLU A 295 -5.25 1.30 -21.24
C GLU A 295 -5.79 1.43 -19.81
N TYR A 296 -4.96 1.10 -18.84
CA TYR A 296 -5.37 1.18 -17.46
C TYR A 296 -4.43 2.15 -16.78
N ASP A 297 -4.97 2.93 -15.86
CA ASP A 297 -4.20 3.95 -15.16
C ASP A 297 -4.52 3.83 -13.67
N VAL A 298 -5.43 4.67 -13.19
CA VAL A 298 -5.84 4.62 -11.79
C VAL A 298 -6.85 3.48 -11.69
N ILE A 299 -6.89 2.78 -10.56
CA ILE A 299 -7.78 1.63 -10.38
C ILE A 299 -8.31 1.52 -8.95
N ALA A 300 -9.62 1.32 -8.81
CA ALA A 300 -10.26 1.17 -7.49
C ALA A 300 -10.60 -0.30 -7.26
N CYS A 301 -10.29 -0.84 -6.08
CA CYS A 301 -10.55 -2.24 -5.77
C CYS A 301 -11.01 -2.46 -4.33
N MET A 302 -11.55 -3.65 -4.08
CA MET A 302 -11.94 -4.05 -2.74
C MET A 302 -10.65 -4.58 -2.13
N ASN A 303 -10.72 -5.12 -0.91
CA ASN A 303 -9.51 -5.59 -0.24
C ASN A 303 -8.74 -6.73 -0.93
N LEU A 304 -9.45 -7.84 -1.17
CA LEU A 304 -8.90 -9.05 -1.77
C LEU A 304 -8.28 -8.86 -3.18
N ASN A 305 -9.05 -8.30 -4.12
CA ASN A 305 -8.54 -8.07 -5.48
C ASN A 305 -7.40 -7.06 -5.52
N GLY A 306 -7.41 -6.12 -4.59
CA GLY A 306 -6.36 -5.11 -4.54
C GLY A 306 -5.00 -5.72 -4.24
N ASP A 307 -5.01 -6.71 -3.35
CA ASP A 307 -3.83 -7.47 -2.92
C ASP A 307 -3.31 -8.25 -4.12
N TYR A 308 -4.21 -8.99 -4.77
CA TYR A 308 -3.90 -9.80 -5.94
C TYR A 308 -3.41 -8.99 -7.13
N ILE A 309 -4.00 -7.84 -7.35
CA ILE A 309 -3.63 -7.00 -8.48
C ILE A 309 -2.30 -6.28 -8.26
N SER A 310 -2.02 -5.91 -7.00
CA SER A 310 -0.77 -5.24 -6.65
C SER A 310 0.41 -6.18 -6.92
N ASP A 311 0.34 -7.40 -6.38
CA ASP A 311 1.43 -8.36 -6.55
C ASP A 311 1.54 -8.92 -7.97
N ALA A 312 0.44 -8.90 -8.69
CA ALA A 312 0.44 -9.38 -10.05
C ALA A 312 1.17 -8.34 -10.90
N LEU A 313 0.73 -7.09 -10.79
CA LEU A 313 1.31 -5.97 -11.54
C LEU A 313 2.77 -5.70 -11.18
N ALA A 314 3.13 -6.01 -9.93
CA ALA A 314 4.48 -5.77 -9.43
C ALA A 314 5.54 -6.78 -9.91
N ALA A 315 5.10 -7.93 -10.40
CA ALA A 315 6.02 -8.94 -10.90
C ALA A 315 6.30 -8.67 -12.38
N GLN A 316 5.25 -8.29 -13.10
CA GLN A 316 5.39 -7.98 -14.53
C GLN A 316 6.38 -6.81 -14.73
N VAL A 317 6.30 -5.79 -13.88
CA VAL A 317 7.24 -4.68 -13.99
C VAL A 317 8.51 -5.01 -13.18
N GLY A 318 8.80 -6.30 -13.06
CA GLY A 318 9.98 -6.74 -12.35
C GLY A 318 9.96 -6.56 -10.84
N GLY A 319 10.35 -5.37 -10.41
CA GLY A 319 10.44 -5.04 -9.00
C GLY A 319 9.44 -5.44 -7.94
N ILE A 320 9.29 -6.73 -7.68
CA ILE A 320 8.40 -7.15 -6.62
C ILE A 320 9.12 -6.70 -5.34
N GLY A 321 10.44 -6.60 -5.42
CA GLY A 321 11.26 -6.16 -4.31
C GLY A 321 11.41 -4.65 -4.18
N ILE A 322 10.85 -3.88 -5.11
CA ILE A 322 10.94 -2.42 -5.02
C ILE A 322 9.58 -1.69 -5.04
N ALA A 323 8.51 -2.45 -4.88
CA ALA A 323 7.16 -1.87 -4.86
C ALA A 323 6.85 -1.16 -3.54
N PRO A 324 6.41 0.10 -3.61
CA PRO A 324 6.07 0.93 -2.46
C PRO A 324 4.60 0.83 -2.06
N GLY A 325 4.29 1.31 -0.86
CA GLY A 325 2.91 1.25 -0.40
C GLY A 325 2.57 2.24 0.70
N ALA A 326 1.31 2.69 0.68
CA ALA A 326 0.82 3.63 1.65
C ALA A 326 -0.57 3.25 2.18
N ASN A 327 -0.74 3.37 3.48
CA ASN A 327 -2.01 3.09 4.13
C ASN A 327 -2.44 4.47 4.60
N ILE A 328 -3.49 4.98 3.98
CA ILE A 328 -3.98 6.31 4.25
C ILE A 328 -5.40 6.36 4.79
N GLY A 329 -5.58 7.19 5.81
CA GLY A 329 -6.87 7.36 6.44
C GLY A 329 -7.10 8.85 6.63
N ASP A 330 -8.10 9.19 7.43
CA ASP A 330 -8.43 10.59 7.65
C ASP A 330 -7.53 11.33 8.64
N GLU A 331 -7.25 10.72 9.79
CA GLU A 331 -6.42 11.37 10.79
C GLU A 331 -4.89 11.15 10.73
N CYS A 332 -4.44 10.12 10.02
CA CYS A 332 -3.02 9.84 9.89
C CYS A 332 -2.70 8.98 8.67
N ALA A 333 -1.42 8.63 8.50
CA ALA A 333 -0.96 7.81 7.39
C ALA A 333 0.26 6.97 7.77
N LEU A 334 0.33 5.78 7.19
CA LEU A 334 1.40 4.82 7.45
C LEU A 334 1.93 4.21 6.15
N PHE A 335 3.16 4.58 5.82
CA PHE A 335 3.84 4.11 4.62
C PHE A 335 4.62 2.84 5.02
N GLU A 336 4.81 1.94 4.08
CA GLU A 336 5.44 0.66 4.39
C GLU A 336 6.17 -0.06 3.27
N ALA A 337 6.94 -1.07 3.67
CA ALA A 337 7.66 -1.94 2.76
C ALA A 337 6.63 -3.04 2.47
N THR A 338 6.43 -3.35 1.20
CA THR A 338 5.43 -4.32 0.76
C THR A 338 5.91 -5.76 0.62
N HIS A 339 7.07 -6.07 1.18
CA HIS A 339 7.58 -7.43 1.04
C HIS A 339 8.15 -7.95 2.32
N GLY A 340 8.53 -9.23 2.29
CA GLY A 340 9.04 -9.89 3.47
C GLY A 340 10.44 -9.42 3.71
N THR A 341 11.05 -10.07 4.67
CA THR A 341 12.41 -9.84 5.10
C THR A 341 13.25 -10.98 4.83
N ALA A 342 12.61 -12.02 4.39
CA ALA A 342 13.36 -13.17 4.05
C ALA A 342 14.16 -13.62 5.25
N PRO A 343 13.59 -14.55 6.02
CA PRO A 343 14.07 -15.14 7.25
C PRO A 343 15.42 -15.88 7.17
N LYS A 344 16.03 -15.90 5.96
CA LYS A 344 17.33 -16.54 5.78
C LYS A 344 18.37 -15.46 5.46
N TYR A 345 17.87 -14.32 5.03
CA TYR A 345 18.70 -13.17 4.64
C TYR A 345 18.95 -12.09 5.69
N ALA A 346 18.15 -12.04 6.74
CA ALA A 346 18.29 -11.03 7.79
C ALA A 346 19.73 -10.81 8.26
N GLY A 347 20.07 -9.54 8.49
CA GLY A 347 21.40 -9.18 8.97
C GLY A 347 22.54 -9.38 7.99
N GLN A 348 22.29 -10.05 6.87
CA GLN A 348 23.34 -10.29 5.89
C GLN A 348 23.61 -9.09 4.99
N ASP A 349 22.80 -8.04 5.12
CA ASP A 349 22.97 -6.83 4.33
C ASP A 349 22.94 -7.22 2.85
N LYS A 350 21.90 -7.95 2.45
CA LYS A 350 21.80 -8.44 1.07
C LYS A 350 20.54 -8.15 0.24
N VAL A 351 19.40 -7.90 0.90
CA VAL A 351 18.15 -7.66 0.17
C VAL A 351 18.00 -6.27 -0.44
N ASN A 352 17.19 -6.18 -1.49
CA ASN A 352 16.92 -4.91 -2.18
C ASN A 352 16.12 -4.01 -1.25
N PRO A 353 16.69 -2.82 -0.93
CA PRO A 353 16.00 -1.87 -0.06
C PRO A 353 15.15 -0.86 -0.81
N GLY A 354 14.87 -1.13 -2.08
CA GLY A 354 14.08 -0.22 -2.89
C GLY A 354 12.74 0.12 -2.26
N SER A 355 11.88 -0.89 -2.17
CA SER A 355 10.53 -0.75 -1.60
C SER A 355 10.36 0.29 -0.47
N ILE A 356 11.10 0.10 0.62
CA ILE A 356 11.00 0.99 1.78
C ILE A 356 11.47 2.39 1.41
N ILE A 357 12.42 2.45 0.49
CA ILE A 357 12.96 3.73 0.03
C ILE A 357 11.94 4.52 -0.77
N LEU A 358 11.23 3.84 -1.66
CA LEU A 358 10.20 4.51 -2.45
C LEU A 358 9.04 4.89 -1.52
N SER A 359 8.76 4.04 -0.54
CA SER A 359 7.68 4.35 0.40
C SER A 359 7.98 5.64 1.16
N ALA A 360 9.24 5.88 1.50
CA ALA A 360 9.64 7.12 2.16
C ALA A 360 9.52 8.24 1.13
N GLU A 361 9.74 7.90 -0.14
CA GLU A 361 9.62 8.87 -1.23
C GLU A 361 8.15 9.34 -1.25
N MET A 362 7.25 8.37 -1.27
CA MET A 362 5.81 8.64 -1.24
C MET A 362 5.51 9.50 -0.01
N MET A 363 6.05 9.09 1.13
CA MET A 363 5.88 9.78 2.41
C MET A 363 6.29 11.25 2.30
N LEU A 364 7.55 11.47 1.90
CA LEU A 364 8.12 12.80 1.74
C LEU A 364 7.27 13.69 0.84
N ARG A 365 6.62 13.08 -0.15
CA ARG A 365 5.76 13.80 -1.09
C ARG A 365 4.47 14.23 -0.41
N HIS A 366 3.94 13.33 0.42
CA HIS A 366 2.71 13.55 1.16
C HIS A 366 2.86 14.69 2.18
N MET A 367 4.07 14.87 2.71
CA MET A 367 4.38 15.94 3.68
C MET A 367 4.48 17.30 2.96
N GLY A 368 4.67 17.24 1.65
CA GLY A 368 4.79 18.46 0.87
C GLY A 368 6.23 18.75 0.47
N TRP A 369 7.14 17.82 0.78
CA TRP A 369 8.55 17.98 0.45
C TRP A 369 8.79 17.35 -0.92
N THR A 370 8.10 17.90 -1.92
CA THR A 370 8.20 17.41 -3.28
C THR A 370 9.65 17.43 -3.79
N GLU A 371 10.48 18.29 -3.20
CA GLU A 371 11.87 18.41 -3.62
C GLU A 371 12.73 17.21 -3.25
N ALA A 372 12.64 16.75 -2.01
CA ALA A 372 13.42 15.60 -1.56
C ALA A 372 12.88 14.36 -2.28
N ALA A 373 11.56 14.35 -2.50
CA ALA A 373 10.89 13.24 -3.19
C ALA A 373 11.47 12.87 -4.56
N ASP A 374 11.35 13.74 -5.56
CA ASP A 374 11.89 13.37 -6.87
C ASP A 374 13.42 13.25 -6.87
N LEU A 375 14.07 13.68 -5.79
CA LEU A 375 15.53 13.55 -5.72
C LEU A 375 15.77 12.06 -5.52
N ILE A 376 15.05 11.47 -4.56
CA ILE A 376 15.15 10.05 -4.29
C ILE A 376 14.83 9.23 -5.54
N VAL A 377 13.67 9.45 -6.15
CA VAL A 377 13.32 8.68 -7.34
C VAL A 377 14.34 8.86 -8.49
N LYS A 378 14.98 10.02 -8.58
CA LYS A 378 15.97 10.19 -9.66
C LYS A 378 17.21 9.38 -9.33
N GLY A 379 17.56 9.33 -8.04
CA GLY A 379 18.72 8.55 -7.63
C GLY A 379 18.46 7.09 -7.93
N MET A 380 17.25 6.64 -7.62
CA MET A 380 16.83 5.26 -7.84
C MET A 380 17.06 4.83 -9.29
N GLU A 381 16.55 5.61 -10.24
CA GLU A 381 16.70 5.32 -11.66
C GLU A 381 18.16 5.37 -12.04
N GLY A 382 18.90 6.27 -11.39
CA GLY A 382 20.31 6.40 -11.66
C GLY A 382 21.02 5.10 -11.36
N ALA A 383 20.86 4.62 -10.13
CA ALA A 383 21.48 3.37 -9.68
C ALA A 383 21.14 2.21 -10.61
N ILE A 384 19.84 1.98 -10.80
CA ILE A 384 19.33 0.90 -11.64
C ILE A 384 19.83 1.00 -13.09
N ASN A 385 19.74 2.19 -13.67
CA ASN A 385 20.17 2.40 -15.06
C ASN A 385 21.65 2.10 -15.18
N ALA A 386 22.42 2.49 -14.17
CA ALA A 386 23.85 2.25 -14.15
C ALA A 386 24.12 0.77 -13.85
N LYS A 387 23.04 0.00 -13.78
CA LYS A 387 23.07 -1.43 -13.52
C LYS A 387 24.08 -1.88 -12.47
N THR A 388 24.25 -1.04 -11.46
CA THR A 388 25.13 -1.29 -10.33
C THR A 388 24.03 -1.44 -9.28
N VAL A 389 23.47 -2.65 -9.20
CA VAL A 389 22.34 -2.94 -8.35
C VAL A 389 22.54 -4.11 -7.37
N THR A 390 21.50 -4.43 -6.60
CA THR A 390 21.56 -5.50 -5.60
C THR A 390 21.33 -6.91 -6.17
N TYR A 391 21.65 -7.93 -5.35
CA TYR A 391 21.56 -9.33 -5.78
C TYR A 391 20.33 -9.73 -6.63
N ASP A 392 19.14 -9.52 -6.09
CA ASP A 392 17.90 -9.87 -6.77
C ASP A 392 17.77 -9.39 -8.21
N PHE A 393 18.40 -8.26 -8.52
CA PHE A 393 18.39 -7.67 -9.86
C PHE A 393 19.65 -8.14 -10.58
N GLU A 394 20.77 -7.98 -9.90
CA GLU A 394 22.09 -8.31 -10.42
C GLU A 394 22.10 -9.70 -11.06
N ARG A 395 21.42 -10.65 -10.44
CA ARG A 395 21.41 -12.01 -10.97
C ARG A 395 20.55 -12.31 -12.22
N LEU A 396 20.07 -11.26 -12.90
CA LEU A 396 19.31 -11.42 -14.14
C LEU A 396 19.83 -10.33 -15.06
N MET A 397 20.97 -9.74 -14.71
CA MET A 397 21.54 -8.67 -15.51
C MET A 397 22.88 -9.05 -16.13
N ASP A 398 23.07 -8.64 -17.38
CA ASP A 398 24.31 -8.91 -18.10
C ASP A 398 25.43 -8.10 -17.49
N GLY A 399 26.09 -8.66 -16.48
CA GLY A 399 27.19 -7.96 -15.86
C GLY A 399 26.80 -6.69 -15.15
N ALA A 400 26.15 -6.85 -14.00
CA ALA A 400 25.78 -5.72 -13.16
C ALA A 400 26.84 -5.84 -12.07
N LYS A 401 27.15 -4.75 -11.39
CA LYS A 401 28.13 -4.87 -10.31
C LYS A 401 27.24 -5.35 -9.17
N LEU A 402 27.77 -6.18 -8.29
CA LEU A 402 26.96 -6.68 -7.20
C LEU A 402 27.17 -5.84 -5.96
N LEU A 403 26.24 -4.93 -5.70
CA LEU A 403 26.30 -4.07 -4.55
C LEU A 403 25.52 -4.75 -3.44
N LYS A 404 25.87 -4.45 -2.19
CA LYS A 404 25.15 -5.00 -1.06
C LYS A 404 24.03 -4.02 -0.78
N CYS A 405 23.17 -4.34 0.18
CA CYS A 405 22.05 -3.48 0.54
C CYS A 405 22.50 -2.05 0.79
N SER A 406 23.38 -1.89 1.78
CA SER A 406 23.91 -0.57 2.13
C SER A 406 24.55 0.16 0.95
N GLU A 407 25.44 -0.55 0.26
CA GLU A 407 26.15 -0.01 -0.89
C GLU A 407 25.16 0.50 -1.92
N PHE A 408 24.02 -0.18 -2.02
CA PHE A 408 22.97 0.23 -2.96
C PHE A 408 22.37 1.55 -2.48
N GLY A 409 22.10 1.65 -1.18
CA GLY A 409 21.58 2.89 -0.63
C GLY A 409 22.52 4.00 -1.04
N ASP A 410 23.82 3.71 -0.93
CA ASP A 410 24.86 4.66 -1.31
C ASP A 410 24.78 5.08 -2.78
N ALA A 411 24.58 4.10 -3.67
CA ALA A 411 24.46 4.36 -5.09
C ALA A 411 23.32 5.36 -5.32
N ILE A 412 22.26 5.22 -4.54
CA ILE A 412 21.12 6.12 -4.65
C ILE A 412 21.57 7.54 -4.28
N ILE A 413 22.37 7.64 -3.22
CA ILE A 413 22.87 8.95 -2.80
C ILE A 413 23.83 9.53 -3.85
N GLU A 414 24.57 8.64 -4.52
CA GLU A 414 25.52 9.04 -5.56
C GLU A 414 24.85 9.55 -6.84
N ASN A 415 23.59 9.15 -7.04
CA ASN A 415 22.80 9.53 -8.21
C ASN A 415 21.75 10.62 -8.03
N MET A 416 21.91 11.41 -6.97
CA MET A 416 20.89 12.44 -6.70
C MET A 416 21.10 13.80 -7.29
MG MG B . -0.52 -8.89 -0.62
C1 ICT C . 0.54 -7.33 1.68
O1 ICT C . 1.19 -6.38 2.14
O2 ICT C . -0.14 -7.15 0.66
C2 ICT C . 0.49 -8.68 2.39
O7 ICT C . 0.05 -9.62 1.39
C3 ICT C . -0.36 -8.57 3.60
C4 ICT C . -0.70 -9.95 4.11
C5 ICT C . 0.38 -10.68 4.90
O3 ICT C . 1.34 -10.03 5.37
O4 ICT C . 0.27 -11.91 5.08
C6 ICT C . -1.62 -7.62 3.39
O5 ICT C . -1.67 -6.44 3.82
O6 ICT C . -2.66 -7.91 2.75
PA NAP D . 7.82 -13.17 0.60
O1A NAP D . 7.75 -11.71 0.84
O2A NAP D . 6.67 -13.79 -0.15
O5B NAP D . 9.14 -13.44 -0.23
C5B NAP D . 9.39 -12.95 -1.52
C4B NAP D . 10.76 -13.32 -2.13
O4B NAP D . 11.04 -12.73 -3.36
C3B NAP D . 11.97 -12.83 -1.30
O3B NAP D . 12.25 -13.48 -0.06
C2B NAP D . 13.06 -12.80 -2.34
O2B NAP D . 13.44 -14.08 -2.89
C1B NAP D . 12.23 -12.01 -3.35
N9A NAP D . 12.23 -10.53 -3.07
C8A NAP D . 11.23 -9.83 -2.43
N7A NAP D . 11.66 -9.05 -1.48
C5A NAP D . 12.99 -8.92 -1.82
C6A NAP D . 13.99 -8.10 -1.31
N6A NAP D . 13.72 -7.28 -0.32
N1A NAP D . 15.21 -8.24 -1.79
C2A NAP D . 15.49 -9.14 -2.74
N3A NAP D . 14.56 -9.87 -3.36
C4A NAP D . 13.33 -9.75 -2.85
O3 NAP D . 8.30 -13.76 2.05
PN NAP D . 8.78 -15.23 2.64
O1N NAP D . 7.77 -16.34 2.59
O2N NAP D . 10.18 -15.46 2.21
O5D NAP D . 8.96 -15.01 4.28
C5D NAP D . 9.20 -13.85 5.09
C4D NAP D . 7.97 -13.17 5.73
O4D NAP D . 7.69 -11.86 5.36
C3D NAP D . 6.62 -13.89 5.68
O3D NAP D . 6.33 -14.39 4.38
C2D NAP D . 5.62 -12.77 5.94
O2D NAP D . 5.13 -12.63 7.27
C1D NAP D . 6.36 -11.51 5.52
N1N NAP D . 5.58 -10.49 4.77
C2N NAP D . 5.72 -9.17 5.07
C3N NAP D . 4.99 -8.19 4.28
C7N NAP D . 5.11 -6.80 4.51
O7N NAP D . 5.82 -6.38 5.40
N7N NAP D . 4.39 -5.87 3.75
C4N NAP D . 4.12 -8.67 3.25
C5N NAP D . 4.02 -10.00 3.04
C6N NAP D . 4.70 -10.88 3.80
P2B NAP D . 14.27 -15.19 -2.05
O1X NAP D . 14.36 -16.34 -3.00
O2X NAP D . 13.51 -15.47 -0.81
O3X NAP D . 15.52 -14.46 -1.87
HO3A NAP D . 12.54 -14.37 -0.32
H61A NAP D . 12.77 -7.33 0.04
H62A NAP D . 14.44 -6.67 0.04
HO3N NAP D . 6.95 -15.10 4.18
HO2N NAP D . 4.45 -11.94 7.19
H71N NAP D . 4.65 -4.90 3.75
H72N NAP D . 3.56 -6.17 3.25
#